data_4OCZ
#
_entry.id   4OCZ
#
_cell.length_a   92.229
_cell.length_b   92.229
_cell.length_c   243.373
_cell.angle_alpha   90.00
_cell.angle_beta   90.00
_cell.angle_gamma   120.00
#
_symmetry.space_group_name_H-M   'P 65 2 2'
#
loop_
_entity.id
_entity.type
_entity.pdbx_description
1 polymer 'Bifunctional epoxide hydrolase 2'
2 non-polymer 'PHOSPHATE ION'
3 non-polymer 'MAGNESIUM ION'
4 non-polymer 1-[1-(2-methylpropanoyl)piperidin-4-yl]-3-[4-(trifluoromethyl)phenyl]urea
5 water water
#
_entity_poly.entity_id   1
_entity_poly.type   'polypeptide(L)'
_entity_poly.pdbx_seq_one_letter_code
;MTLRAAVFDLDGVLALPAVFGVLGRTEEALALPRGLLNDAFQKGGPEGATTRLMKGEITLSQWIPLMEENCRKCSETAKV
CLPKNFSIKEIFDKAISARKINRPMLQAALMLRKKGFTTAILTNTWLDDRAERDGLAQLMCELKMHFDFLIESCQVGMVK
PEPQIYKFLLDTLKASPSEVVFLDDIGANLKPARDLGMVTILVQDTDTALKELEKVTGIQLLNTPAPLPTSCNPSDMSHG
YVTVKPRVRLHFVELGSGPAVCLCHGFPESWYSWRYQIPALAQAGYRVLAMDMKGYGESSAPPEIEEYCMEVLCKEMVTF
LDKLGLSQAVFIGHDWGGMLVWYMALFYPERVRAVASLNTPFIPANPNMSPLESIKANPVFDYQLYFQEPGVAEAELEQN
LSRTFKSLFRASDESVLSMHKVCEAGGLFVNSPEEPSLSRMVTEEEIQFYVQQFKKSGFRGPLNWYRNMERNWKWACKSL
GRKILIPALMVTAEKDFVLVPQMSQHMEDWIPHLKRGHIEDCGHWTQMDKPTEVNQILIKWLDSDARNPPVVSKM
;
_entity_poly.pdbx_strand_id   A
#
loop_
_chem_comp.id
_chem_comp.type
_chem_comp.name
_chem_comp.formula
2RU non-polymer 1-[1-(2-methylpropanoyl)piperidin-4-yl]-3-[4-(trifluoromethyl)phenyl]urea 'C17 H22 F3 N3 O2'
MG non-polymer 'MAGNESIUM ION' 'Mg 2'
PO4 non-polymer 'PHOSPHATE ION' 'O4 P -3'
#
# COMPACT_ATOMS: atom_id res chain seq x y z
N MET A 1 -12.04 -29.27 19.18
CA MET A 1 -11.82 -28.34 18.02
C MET A 1 -12.70 -27.04 18.09
N THR A 2 -12.16 -26.03 18.78
CA THR A 2 -12.76 -24.68 18.87
C THR A 2 -12.26 -23.86 17.70
N LEU A 3 -12.41 -22.54 17.77
CA LEU A 3 -12.30 -21.69 16.59
C LEU A 3 -10.90 -21.52 16.05
N ARG A 4 -10.81 -21.51 14.72
CA ARG A 4 -9.66 -20.96 14.00
C ARG A 4 -10.06 -20.37 12.64
N ALA A 5 -11.35 -20.13 12.41
CA ALA A 5 -11.82 -19.51 11.14
C ALA A 5 -12.83 -18.38 11.33
N ALA A 6 -12.90 -17.49 10.35
CA ALA A 6 -13.74 -16.29 10.43
C ALA A 6 -14.33 -15.91 9.06
N VAL A 7 -15.66 -15.94 8.93
CA VAL A 7 -16.33 -15.78 7.63
C VAL A 7 -17.25 -14.53 7.67
N PHE A 8 -17.21 -13.67 6.67
CA PHE A 8 -17.95 -12.39 6.71
C PHE A 8 -18.94 -12.13 5.55
N ASP A 9 -20.15 -11.69 5.89
CA ASP A 9 -21.10 -11.19 4.90
C ASP A 9 -20.46 -9.94 4.26
N LEU A 10 -20.93 -9.56 3.09
CA LEU A 10 -20.41 -8.38 2.42
C LEU A 10 -21.39 -7.26 2.71
N ASP A 11 -22.54 -7.31 2.03
CA ASP A 11 -23.51 -6.25 2.17
C ASP A 11 -24.01 -6.27 3.61
N GLY A 12 -23.86 -5.12 4.26
CA GLY A 12 -24.21 -4.96 5.65
C GLY A 12 -23.21 -5.45 6.70
N VAL A 13 -22.12 -6.09 6.32
CA VAL A 13 -21.15 -6.48 7.33
C VAL A 13 -19.80 -5.88 7.00
N LEU A 14 -19.19 -6.27 5.89
CA LEU A 14 -17.90 -5.66 5.52
C LEU A 14 -18.06 -4.40 4.68
N ALA A 15 -19.26 -4.18 4.14
CA ALA A 15 -19.54 -2.99 3.37
C ALA A 15 -20.88 -2.36 3.77
N LEU A 16 -20.88 -1.05 4.04
CA LEU A 16 -22.02 -0.38 4.65
C LEU A 16 -22.47 0.85 3.87
N PRO A 17 -23.58 1.49 4.33
CA PRO A 17 -24.76 1.55 3.50
C PRO A 17 -24.93 0.23 2.73
N ALA A 18 -25.68 -0.72 3.30
CA ALA A 18 -25.99 -1.96 2.58
C ALA A 18 -27.01 -1.63 1.51
N VAL A 19 -26.92 -2.26 0.34
CA VAL A 19 -27.85 -1.96 -0.75
C VAL A 19 -29.33 -2.02 -0.31
N PHE A 20 -29.74 -3.16 0.27
CA PHE A 20 -31.13 -3.39 0.68
C PHE A 20 -31.71 -2.23 1.51
N GLY A 21 -30.84 -1.52 2.22
CA GLY A 21 -31.25 -0.34 3.01
C GLY A 21 -31.42 0.94 2.21
N VAL A 22 -31.31 0.79 0.90
CA VAL A 22 -31.65 1.83 -0.05
C VAL A 22 -32.95 1.36 -0.73
N LEU A 23 -32.97 0.14 -1.25
CA LEU A 23 -34.23 -0.54 -1.61
C LEU A 23 -35.41 0.15 -0.90
N GLY A 24 -35.38 0.15 0.43
CA GLY A 24 -36.46 0.77 1.21
C GLY A 24 -36.39 2.28 1.22
N ARG A 25 -35.20 2.79 1.52
CA ARG A 25 -34.95 4.22 1.69
C ARG A 25 -35.70 5.00 0.61
N THR A 26 -35.46 4.56 -0.64
CA THR A 26 -36.05 5.15 -1.84
C THR A 26 -37.57 5.25 -1.75
N GLU A 27 -38.21 4.09 -1.55
CA GLU A 27 -39.67 4.02 -1.39
C GLU A 27 -40.16 5.24 -0.60
N GLU A 28 -39.57 5.42 0.58
CA GLU A 28 -39.89 6.53 1.45
C GLU A 28 -39.64 7.85 0.72
N ALA A 29 -38.47 8.00 0.11
CA ALA A 29 -38.14 9.20 -0.65
C ALA A 29 -39.25 9.54 -1.64
N LEU A 30 -39.85 8.50 -2.25
CA LEU A 30 -40.86 8.69 -3.31
C LEU A 30 -42.29 8.34 -2.95
N ALA A 31 -42.65 8.42 -1.67
CA ALA A 31 -44.01 8.02 -1.20
C ALA A 31 -44.57 6.72 -1.86
N LEU A 32 -43.71 5.70 -2.00
CA LEU A 32 -44.11 4.37 -2.51
C LEU A 32 -44.62 3.42 -1.41
N PRO A 33 -45.64 2.60 -1.73
CA PRO A 33 -46.17 1.61 -0.79
C PRO A 33 -45.08 0.79 -0.10
N ARG A 34 -45.01 0.89 1.21
CA ARG A 34 -43.91 0.30 1.98
C ARG A 34 -43.51 -1.10 1.51
N GLY A 35 -42.26 -1.25 1.10
CA GLY A 35 -41.76 -2.53 0.64
C GLY A 35 -42.04 -2.89 -0.80
N LEU A 36 -42.92 -2.17 -1.50
CA LEU A 36 -43.20 -2.48 -2.91
C LEU A 36 -41.98 -3.03 -3.64
N LEU A 37 -40.88 -2.28 -3.56
CA LEU A 37 -39.63 -2.62 -4.24
C LEU A 37 -39.11 -3.94 -3.75
N ASN A 38 -39.16 -4.12 -2.44
CA ASN A 38 -38.56 -5.29 -1.89
C ASN A 38 -39.29 -6.59 -2.24
N ASP A 39 -40.53 -6.47 -2.69
CA ASP A 39 -41.28 -7.64 -3.10
C ASP A 39 -40.78 -7.97 -4.47
N ALA A 40 -40.84 -6.97 -5.35
CA ALA A 40 -40.37 -7.12 -6.74
C ALA A 40 -39.01 -7.80 -6.76
N PHE A 41 -38.12 -7.30 -5.95
CA PHE A 41 -36.84 -7.91 -5.80
C PHE A 41 -36.91 -9.42 -5.48
N GLN A 42 -37.71 -9.82 -4.50
CA GLN A 42 -37.73 -11.23 -4.10
C GLN A 42 -38.74 -12.03 -4.91
N LYS A 43 -39.32 -11.38 -5.90
CA LYS A 43 -40.41 -11.99 -6.61
C LYS A 43 -39.97 -13.26 -7.29
N GLY A 44 -40.77 -14.30 -7.12
CA GLY A 44 -40.48 -15.62 -7.66
C GLY A 44 -39.80 -16.55 -6.67
N GLY A 45 -39.18 -15.98 -5.63
CA GLY A 45 -38.47 -16.76 -4.62
C GLY A 45 -37.27 -17.45 -5.23
N PRO A 46 -37.02 -18.71 -4.86
CA PRO A 46 -35.94 -19.52 -5.47
C PRO A 46 -35.92 -19.52 -7.00
N GLU A 47 -37.11 -19.53 -7.61
CA GLU A 47 -37.23 -19.61 -9.07
C GLU A 47 -37.46 -18.23 -9.72
N GLY A 48 -37.13 -17.17 -8.99
CA GLY A 48 -37.32 -15.81 -9.49
C GLY A 48 -36.09 -15.21 -10.15
N ALA A 49 -36.30 -14.08 -10.80
CA ALA A 49 -35.23 -13.34 -11.41
C ALA A 49 -34.01 -13.12 -10.49
N THR A 50 -34.23 -12.67 -9.26
CA THR A 50 -33.06 -12.28 -8.43
C THR A 50 -32.13 -13.46 -8.02
N THR A 51 -32.68 -14.67 -8.00
CA THR A 51 -31.88 -15.83 -7.60
C THR A 51 -31.05 -16.27 -8.75
N ARG A 52 -31.68 -16.27 -9.91
CA ARG A 52 -31.01 -16.63 -11.11
C ARG A 52 -29.82 -15.73 -11.17
N LEU A 53 -30.03 -14.45 -10.88
CA LEU A 53 -28.96 -13.45 -10.88
C LEU A 53 -27.81 -13.84 -9.99
N MET A 54 -28.15 -14.06 -8.72
CA MET A 54 -27.23 -14.44 -7.66
C MET A 54 -26.51 -15.74 -7.92
N LYS A 55 -27.10 -16.58 -8.79
CA LYS A 55 -26.53 -17.87 -9.12
C LYS A 55 -25.60 -17.81 -10.33
N GLY A 56 -25.58 -16.69 -11.05
CA GLY A 56 -24.80 -16.59 -12.26
C GLY A 56 -25.53 -17.02 -13.53
N GLU A 57 -26.79 -17.42 -13.39
CA GLU A 57 -27.55 -17.90 -14.53
C GLU A 57 -27.67 -16.78 -15.56
N ILE A 58 -27.95 -15.55 -15.07
CA ILE A 58 -27.96 -14.32 -15.85
C ILE A 58 -27.11 -13.21 -15.16
N THR A 59 -27.14 -11.99 -15.69
CA THR A 59 -26.28 -10.89 -15.24
C THR A 59 -27.05 -9.62 -14.86
N LEU A 60 -26.33 -8.71 -14.23
CA LEU A 60 -26.94 -7.56 -13.65
C LEU A 60 -27.80 -6.85 -14.69
N SER A 61 -27.20 -6.53 -15.83
CA SER A 61 -27.90 -5.83 -16.89
C SER A 61 -29.01 -6.70 -17.41
N GLN A 62 -28.81 -8.01 -17.44
CA GLN A 62 -29.87 -8.88 -17.88
C GLN A 62 -31.07 -8.76 -16.96
N TRP A 63 -30.78 -8.57 -15.68
CA TRP A 63 -31.82 -8.53 -14.63
C TRP A 63 -32.55 -7.19 -14.51
N ILE A 64 -31.94 -6.08 -14.93
CA ILE A 64 -32.56 -4.80 -14.66
C ILE A 64 -34.02 -4.78 -15.12
N PRO A 65 -34.27 -5.15 -16.38
CA PRO A 65 -35.64 -5.19 -16.89
C PRO A 65 -36.57 -6.14 -16.14
N LEU A 66 -36.13 -7.37 -15.91
CA LEU A 66 -36.98 -8.29 -15.15
C LEU A 66 -37.43 -7.62 -13.82
N MET A 67 -36.51 -7.06 -13.05
CA MET A 67 -36.89 -6.26 -11.87
C MET A 67 -37.96 -5.22 -12.18
N GLU A 68 -37.65 -4.27 -13.08
CA GLU A 68 -38.62 -3.24 -13.45
C GLU A 68 -39.96 -3.86 -13.80
N GLU A 69 -39.93 -4.95 -14.55
CA GLU A 69 -41.16 -5.64 -14.93
C GLU A 69 -41.85 -6.08 -13.65
N ASN A 70 -41.17 -6.87 -12.81
CA ASN A 70 -41.73 -7.25 -11.51
C ASN A 70 -42.32 -6.06 -10.77
N CYS A 71 -41.58 -4.94 -10.72
CA CYS A 71 -42.04 -3.71 -10.10
C CYS A 71 -43.35 -3.22 -10.66
N ARG A 72 -43.48 -3.30 -11.98
CA ARG A 72 -44.74 -2.96 -12.65
C ARG A 72 -45.96 -3.58 -11.93
N LYS A 73 -45.94 -4.91 -11.75
CA LYS A 73 -47.11 -5.64 -11.28
C LYS A 73 -47.22 -5.77 -9.76
N CYS A 74 -46.09 -5.60 -9.05
CA CYS A 74 -46.13 -5.37 -7.61
C CYS A 74 -46.97 -4.14 -7.33
N SER A 75 -46.87 -3.14 -8.23
CA SER A 75 -47.71 -1.91 -8.18
C SER A 75 -49.08 -2.00 -8.86
N GLU A 76 -49.26 -2.94 -9.79
CA GLU A 76 -50.57 -3.20 -10.35
C GLU A 76 -51.51 -3.83 -9.32
N THR A 77 -51.01 -4.77 -8.50
CA THR A 77 -51.87 -5.44 -7.49
C THR A 77 -52.07 -4.53 -6.27
N ALA A 78 -51.03 -3.75 -5.95
CA ALA A 78 -51.13 -2.71 -4.94
C ALA A 78 -51.99 -1.52 -5.42
N LYS A 79 -52.56 -1.60 -6.63
CA LYS A 79 -53.52 -0.61 -7.16
C LYS A 79 -52.97 0.82 -7.03
N VAL A 80 -52.06 1.11 -7.96
CA VAL A 80 -51.08 2.19 -7.82
C VAL A 80 -50.36 2.27 -9.16
N CYS A 81 -49.59 3.34 -9.35
CA CYS A 81 -48.68 3.40 -10.48
C CYS A 81 -47.34 3.93 -10.00
N LEU A 82 -46.31 3.63 -10.77
CA LEU A 82 -44.99 4.12 -10.44
C LEU A 82 -44.92 5.54 -10.99
N PRO A 83 -43.86 6.30 -10.63
CA PRO A 83 -43.64 7.56 -11.34
C PRO A 83 -43.29 7.29 -12.78
N LYS A 84 -43.37 8.36 -13.58
CA LYS A 84 -43.20 8.25 -15.00
C LYS A 84 -41.73 8.43 -15.39
N ASN A 85 -40.92 9.02 -14.50
CA ASN A 85 -39.45 9.06 -14.69
C ASN A 85 -38.73 8.10 -13.75
N PHE A 86 -39.21 6.85 -13.71
CA PHE A 86 -38.76 5.81 -12.77
C PHE A 86 -37.63 4.93 -13.32
N SER A 87 -36.56 4.75 -12.54
CA SER A 87 -35.35 4.04 -13.04
C SER A 87 -34.66 3.06 -12.08
N ILE A 88 -34.95 1.77 -12.23
CA ILE A 88 -34.19 0.77 -11.47
C ILE A 88 -32.68 0.88 -11.68
N LYS A 89 -32.25 1.20 -12.89
CA LYS A 89 -30.82 1.36 -13.11
C LYS A 89 -30.19 2.42 -12.16
N GLU A 90 -30.79 3.61 -12.07
CA GLU A 90 -30.23 4.71 -11.26
C GLU A 90 -30.12 4.38 -9.80
N ILE A 91 -31.21 3.83 -9.29
CA ILE A 91 -31.27 3.47 -7.90
C ILE A 91 -30.05 2.62 -7.52
N PHE A 92 -29.94 1.44 -8.13
CA PHE A 92 -28.83 0.54 -7.81
C PHE A 92 -27.44 1.15 -8.06
N ASP A 93 -27.37 2.04 -9.05
CA ASP A 93 -26.13 2.69 -9.40
C ASP A 93 -25.67 3.51 -8.15
N LYS A 94 -26.51 4.50 -7.78
CA LYS A 94 -26.29 5.33 -6.57
C LYS A 94 -25.95 4.45 -5.38
N ALA A 95 -26.78 3.41 -5.17
CA ALA A 95 -26.66 2.50 -4.04
C ALA A 95 -25.31 1.79 -4.03
N ILE A 96 -24.96 1.25 -5.19
CA ILE A 96 -23.77 0.40 -5.25
C ILE A 96 -22.50 1.20 -5.00
N SER A 97 -22.51 2.49 -5.34
CA SER A 97 -21.34 3.35 -5.12
C SER A 97 -21.44 3.99 -3.75
N ALA A 98 -22.64 4.40 -3.39
CA ALA A 98 -22.94 4.86 -2.04
C ALA A 98 -22.22 3.99 -1.01
N ARG A 99 -22.19 2.69 -1.28
CA ARG A 99 -21.63 1.70 -0.36
C ARG A 99 -20.13 1.72 -0.33
N LYS A 100 -19.55 1.91 0.86
CA LYS A 100 -18.09 1.84 1.11
C LYS A 100 -17.81 0.77 2.15
N ILE A 101 -16.61 0.17 2.07
CA ILE A 101 -16.05 -0.72 3.12
C ILE A 101 -16.37 -0.30 4.54
N ASN A 102 -16.81 -1.27 5.35
CA ASN A 102 -16.94 -1.04 6.77
C ASN A 102 -15.55 -1.25 7.38
N ARG A 103 -14.94 -0.16 7.84
CA ARG A 103 -13.54 -0.15 8.22
C ARG A 103 -13.22 -0.95 9.46
N PRO A 104 -13.96 -0.71 10.56
CA PRO A 104 -13.69 -1.49 11.79
C PRO A 104 -13.86 -3.00 11.57
N MET A 105 -14.86 -3.39 10.80
CA MET A 105 -15.06 -4.78 10.49
C MET A 105 -13.87 -5.40 9.76
N LEU A 106 -13.46 -4.78 8.67
CA LEU A 106 -12.28 -5.19 7.95
C LEU A 106 -11.08 -5.25 8.90
N GLN A 107 -10.94 -4.21 9.73
CA GLN A 107 -9.80 -4.13 10.64
C GLN A 107 -9.78 -5.30 11.62
N ALA A 108 -10.96 -5.63 12.13
CA ALA A 108 -11.13 -6.82 12.93
C ALA A 108 -10.84 -8.11 12.13
N ALA A 109 -11.15 -8.17 10.85
CA ALA A 109 -10.85 -9.36 10.09
C ALA A 109 -9.36 -9.46 9.95
N LEU A 110 -8.71 -8.31 9.90
CA LEU A 110 -7.24 -8.33 9.85
C LEU A 110 -6.74 -8.85 11.19
N MET A 111 -7.17 -8.20 12.25
CA MET A 111 -6.70 -8.52 13.56
C MET A 111 -6.70 -10.03 13.78
N LEU A 112 -7.84 -10.67 13.46
CA LEU A 112 -8.01 -12.12 13.67
C LEU A 112 -7.06 -12.84 12.78
N ARG A 113 -7.02 -12.43 11.53
CA ARG A 113 -6.17 -13.12 10.61
C ARG A 113 -4.72 -12.97 11.00
N LYS A 114 -4.36 -11.78 11.48
CA LYS A 114 -3.02 -11.56 12.00
C LYS A 114 -2.65 -12.60 13.03
N LYS A 115 -3.65 -13.11 13.76
CA LYS A 115 -3.42 -14.14 14.79
C LYS A 115 -3.81 -15.58 14.37
N GLY A 116 -3.43 -16.01 13.19
CA GLY A 116 -3.57 -17.41 12.80
C GLY A 116 -4.92 -17.86 12.29
N PHE A 117 -5.92 -16.96 12.28
CA PHE A 117 -7.28 -17.30 11.82
C PHE A 117 -7.34 -17.25 10.27
N THR A 118 -7.81 -18.36 9.68
CA THR A 118 -8.18 -18.42 8.26
C THR A 118 -9.42 -17.53 8.02
N THR A 119 -9.28 -16.47 7.22
CA THR A 119 -10.40 -15.56 6.96
C THR A 119 -11.01 -15.72 5.55
N ALA A 120 -12.34 -15.61 5.43
CA ALA A 120 -13.03 -15.69 4.13
C ALA A 120 -14.21 -14.75 4.04
N ILE A 121 -14.70 -14.50 2.82
CA ILE A 121 -15.94 -13.76 2.61
C ILE A 121 -16.93 -14.69 1.95
N LEU A 122 -18.16 -14.71 2.45
CA LEU A 122 -19.28 -15.37 1.80
C LEU A 122 -20.35 -14.34 1.46
N THR A 123 -20.62 -14.16 0.15
CA THR A 123 -21.62 -13.17 -0.27
C THR A 123 -22.47 -13.54 -1.49
N ASN A 124 -23.76 -13.22 -1.36
CA ASN A 124 -24.72 -13.34 -2.42
C ASN A 124 -24.54 -12.17 -3.36
N THR A 125 -23.77 -12.36 -4.43
CA THR A 125 -23.52 -11.30 -5.39
C THR A 125 -23.80 -11.75 -6.85
N TRP A 126 -23.67 -10.79 -7.77
CA TRP A 126 -24.15 -10.91 -9.13
C TRP A 126 -23.02 -10.63 -10.07
N LEU A 127 -23.21 -10.98 -11.33
CA LEU A 127 -22.23 -10.67 -12.40
C LEU A 127 -22.42 -9.25 -12.95
N ASP A 128 -21.55 -8.34 -12.56
CA ASP A 128 -21.76 -6.92 -12.85
C ASP A 128 -21.28 -6.53 -14.27
N ASP A 129 -22.20 -6.37 -15.22
CA ASP A 129 -21.89 -5.77 -16.53
C ASP A 129 -22.44 -4.39 -16.74
N ARG A 130 -22.81 -3.69 -15.67
CA ARG A 130 -23.28 -2.31 -15.82
C ARG A 130 -22.15 -1.53 -16.46
N ALA A 131 -22.55 -0.58 -17.30
CA ALA A 131 -21.63 0.44 -17.82
C ALA A 131 -20.67 1.02 -16.76
N GLU A 132 -21.02 0.92 -15.48
CA GLU A 132 -20.27 1.61 -14.43
C GLU A 132 -19.74 0.59 -13.45
N ARG A 133 -19.39 -0.59 -13.95
CA ARG A 133 -19.18 -1.75 -13.08
C ARG A 133 -17.88 -1.73 -12.31
N ASP A 134 -16.98 -0.84 -12.68
CA ASP A 134 -15.63 -0.84 -12.18
C ASP A 134 -15.62 -0.47 -10.72
N GLY A 135 -16.53 0.42 -10.33
CA GLY A 135 -16.52 0.99 -8.98
C GLY A 135 -16.58 -0.08 -7.92
N LEU A 136 -17.45 -1.05 -8.16
CA LEU A 136 -17.60 -2.22 -7.31
C LEU A 136 -16.35 -3.07 -7.45
N ALA A 137 -15.93 -3.31 -8.71
CA ALA A 137 -14.74 -4.11 -9.04
C ALA A 137 -13.49 -3.66 -8.22
N GLN A 138 -13.39 -2.33 -8.08
CA GLN A 138 -12.34 -1.64 -7.33
C GLN A 138 -12.35 -2.05 -5.88
N LEU A 139 -13.54 -2.00 -5.31
CA LEU A 139 -13.78 -2.28 -3.90
C LEU A 139 -13.43 -3.70 -3.58
N MET A 140 -13.65 -4.60 -4.54
CA MET A 140 -13.43 -6.01 -4.30
C MET A 140 -11.97 -6.37 -4.19
N CYS A 141 -11.12 -5.71 -4.96
CA CYS A 141 -9.70 -6.00 -4.81
C CYS A 141 -9.24 -5.45 -3.48
N GLU A 142 -9.72 -4.28 -3.12
CA GLU A 142 -9.27 -3.69 -1.89
C GLU A 142 -9.55 -4.66 -0.76
N LEU A 143 -10.72 -5.30 -0.80
CA LEU A 143 -11.10 -6.26 0.24
C LEU A 143 -10.36 -7.57 0.06
N LYS A 144 -10.65 -8.23 -1.06
CA LYS A 144 -10.31 -9.63 -1.21
C LYS A 144 -8.86 -9.91 -0.87
N MET A 145 -8.00 -8.97 -1.20
CA MET A 145 -6.56 -9.21 -1.03
C MET A 145 -6.13 -9.18 0.43
N HIS A 146 -7.07 -8.91 1.34
CA HIS A 146 -6.89 -9.23 2.78
C HIS A 146 -7.60 -10.46 3.25
N PHE A 147 -7.88 -11.45 2.40
CA PHE A 147 -8.52 -12.68 2.92
C PHE A 147 -7.95 -13.91 2.32
N ASP A 148 -8.11 -15.01 3.03
CA ASP A 148 -7.71 -16.25 2.43
C ASP A 148 -8.64 -16.55 1.26
N PHE A 149 -9.94 -16.26 1.36
CA PHE A 149 -10.86 -16.62 0.29
C PHE A 149 -11.92 -15.58 0.11
N LEU A 150 -12.45 -15.55 -1.10
CA LEU A 150 -13.63 -14.79 -1.40
C LEU A 150 -14.50 -15.73 -2.13
N ILE A 151 -15.69 -16.01 -1.60
CA ILE A 151 -16.63 -16.95 -2.21
C ILE A 151 -17.91 -16.23 -2.63
N GLU A 152 -18.14 -16.10 -3.94
CA GLU A 152 -19.28 -15.33 -4.45
C GLU A 152 -20.35 -16.26 -4.96
N SER A 153 -21.62 -15.93 -4.73
CA SER A 153 -22.70 -16.83 -5.14
C SER A 153 -22.74 -17.11 -6.63
N CYS A 154 -22.72 -16.05 -7.42
CA CYS A 154 -22.78 -16.16 -8.87
C CYS A 154 -21.53 -16.80 -9.39
N GLN A 155 -20.52 -16.97 -8.56
CA GLN A 155 -19.34 -17.65 -9.03
C GLN A 155 -19.43 -19.13 -8.77
N VAL A 156 -20.02 -19.52 -7.65
CA VAL A 156 -20.06 -20.93 -7.31
C VAL A 156 -21.33 -21.60 -7.79
N GLY A 157 -22.34 -20.82 -8.14
CA GLY A 157 -23.61 -21.37 -8.60
C GLY A 157 -24.58 -21.80 -7.52
N MET A 158 -24.21 -21.54 -6.27
CA MET A 158 -25.08 -21.77 -5.12
C MET A 158 -25.31 -20.45 -4.41
N VAL A 159 -26.36 -20.38 -3.60
CA VAL A 159 -26.80 -19.14 -2.92
C VAL A 159 -26.78 -19.21 -1.39
N LYS A 160 -26.90 -18.06 -0.77
CA LYS A 160 -26.81 -17.97 0.64
C LYS A 160 -28.19 -17.86 1.23
N PRO A 161 -28.78 -18.98 1.60
CA PRO A 161 -29.14 -19.69 2.82
C PRO A 161 -29.19 -21.22 2.46
N GLU A 162 -28.85 -21.55 1.21
CA GLU A 162 -28.93 -22.90 0.75
C GLU A 162 -27.80 -23.54 1.44
N PRO A 163 -28.05 -24.67 2.10
CA PRO A 163 -27.00 -25.48 2.72
C PRO A 163 -25.71 -25.71 1.86
N GLN A 164 -25.91 -26.19 0.64
CA GLN A 164 -24.82 -26.73 -0.11
C GLN A 164 -23.65 -25.70 -0.24
N ILE A 165 -23.98 -24.40 -0.17
CA ILE A 165 -22.95 -23.34 -0.17
C ILE A 165 -22.12 -23.31 1.08
N TYR A 166 -22.73 -23.62 2.21
CA TYR A 166 -22.00 -23.70 3.49
C TYR A 166 -21.06 -24.90 3.45
N LYS A 167 -21.60 -26.04 3.03
CA LYS A 167 -20.79 -27.19 2.75
C LYS A 167 -19.62 -26.74 1.88
N PHE A 168 -19.90 -25.96 0.83
CA PHE A 168 -18.85 -25.52 -0.07
C PHE A 168 -17.80 -24.70 0.68
N LEU A 169 -18.27 -23.91 1.65
CA LEU A 169 -17.40 -23.04 2.44
C LEU A 169 -16.47 -23.88 3.33
N LEU A 170 -17.05 -24.77 4.12
CA LEU A 170 -16.27 -25.69 4.94
C LEU A 170 -15.16 -26.36 4.14
N ASP A 171 -15.55 -26.99 3.04
CA ASP A 171 -14.63 -27.55 2.07
C ASP A 171 -13.50 -26.62 1.72
N THR A 172 -13.86 -25.38 1.41
CA THR A 172 -12.84 -24.41 1.07
C THR A 172 -12.00 -24.11 2.30
N LEU A 173 -12.64 -23.92 3.45
CA LEU A 173 -11.92 -23.57 4.67
C LEU A 173 -11.06 -24.70 5.21
N LYS A 174 -11.22 -25.92 4.70
CA LYS A 174 -10.50 -27.07 5.25
C LYS A 174 -10.86 -27.17 6.72
N ALA A 175 -12.15 -27.09 7.02
CA ALA A 175 -12.59 -26.89 8.39
C ALA A 175 -13.92 -27.57 8.71
N SER A 176 -14.22 -27.62 10.01
CA SER A 176 -15.44 -28.24 10.51
C SER A 176 -16.19 -27.17 11.25
N PRO A 177 -17.54 -27.23 11.18
CA PRO A 177 -18.44 -26.14 11.56
C PRO A 177 -18.14 -25.45 12.90
N SER A 178 -17.65 -26.20 13.88
CA SER A 178 -17.46 -25.68 15.22
C SER A 178 -16.15 -24.93 15.30
N GLU A 179 -15.31 -25.09 14.27
CA GLU A 179 -14.05 -24.34 14.17
C GLU A 179 -14.21 -22.99 13.50
N VAL A 180 -15.44 -22.67 13.09
CA VAL A 180 -15.70 -21.49 12.28
C VAL A 180 -16.77 -20.52 12.89
N VAL A 181 -16.47 -19.21 12.81
CA VAL A 181 -17.42 -18.13 13.12
C VAL A 181 -17.92 -17.48 11.82
N PHE A 182 -19.21 -17.14 11.77
CA PHE A 182 -19.81 -16.56 10.59
C PHE A 182 -20.73 -15.38 10.92
N LEU A 183 -20.33 -14.18 10.49
CA LEU A 183 -21.11 -12.95 10.68
C LEU A 183 -21.95 -12.56 9.45
N ASP A 184 -23.21 -12.20 9.70
CA ASP A 184 -24.13 -11.79 8.62
C ASP A 184 -25.22 -10.86 9.14
N ASP A 185 -25.84 -10.10 8.23
CA ASP A 185 -26.90 -9.15 8.60
C ASP A 185 -28.33 -9.72 8.42
N ILE A 186 -28.46 -10.85 7.70
CA ILE A 186 -29.75 -11.51 7.53
C ILE A 186 -29.84 -12.73 8.45
N GLY A 187 -30.94 -12.88 9.20
CA GLY A 187 -31.06 -14.01 10.12
C GLY A 187 -31.23 -15.32 9.37
N ALA A 188 -32.05 -15.29 8.33
CA ALA A 188 -32.24 -16.45 7.49
C ALA A 188 -30.87 -17.02 7.05
N ASN A 189 -29.92 -16.13 6.72
CA ASN A 189 -28.60 -16.54 6.32
C ASN A 189 -27.82 -17.19 7.43
N LEU A 190 -28.08 -16.77 8.67
CA LEU A 190 -27.48 -17.40 9.87
C LEU A 190 -27.86 -18.88 10.15
N LYS A 191 -29.15 -19.23 10.04
CA LYS A 191 -29.71 -20.51 10.56
C LYS A 191 -29.04 -21.75 9.98
N PRO A 192 -29.01 -21.89 8.63
CA PRO A 192 -28.30 -23.03 8.09
C PRO A 192 -26.96 -23.22 8.76
N ALA A 193 -26.16 -22.17 8.89
CA ALA A 193 -24.83 -22.28 9.53
C ALA A 193 -24.97 -23.07 10.82
N ARG A 194 -25.82 -22.53 11.69
CA ARG A 194 -25.96 -23.11 13.03
C ARG A 194 -26.30 -24.58 12.98
N ASP A 195 -27.34 -24.93 12.23
CA ASP A 195 -27.72 -26.35 12.03
C ASP A 195 -26.54 -27.34 11.80
N LEU A 196 -25.45 -26.90 11.19
CA LEU A 196 -24.23 -27.71 11.11
C LEU A 196 -23.34 -27.54 12.32
N GLY A 197 -23.68 -26.60 13.20
CA GLY A 197 -22.89 -26.27 14.40
C GLY A 197 -21.86 -25.18 14.18
N MET A 198 -22.32 -24.04 13.70
CA MET A 198 -21.42 -22.90 13.47
C MET A 198 -21.71 -21.83 14.51
N VAL A 199 -20.67 -21.13 14.95
CA VAL A 199 -20.87 -19.93 15.79
C VAL A 199 -21.39 -18.87 14.83
N THR A 200 -22.45 -18.18 15.21
CA THR A 200 -22.99 -17.18 14.33
C THR A 200 -23.25 -15.89 15.10
N ILE A 201 -23.22 -14.76 14.41
CA ILE A 201 -23.46 -13.47 15.02
C ILE A 201 -24.38 -12.68 14.10
N LEU A 202 -25.52 -12.20 14.60
CA LEU A 202 -26.37 -11.30 13.79
C LEU A 202 -25.79 -9.92 13.88
N VAL A 203 -25.35 -9.43 12.73
CA VAL A 203 -24.74 -8.12 12.65
C VAL A 203 -25.87 -7.10 12.48
N GLN A 204 -26.06 -6.24 13.47
CA GLN A 204 -26.89 -5.08 13.29
C GLN A 204 -25.95 -3.90 13.33
N ASP A 205 -25.95 -3.14 14.43
CA ASP A 205 -24.92 -2.15 14.62
C ASP A 205 -23.58 -2.89 14.70
N THR A 206 -22.58 -2.27 14.12
CA THR A 206 -21.40 -2.98 13.84
C THR A 206 -20.67 -3.33 15.12
N ASP A 207 -20.63 -2.41 16.10
CA ASP A 207 -19.70 -2.64 17.22
C ASP A 207 -20.20 -3.49 18.42
N THR A 208 -21.50 -3.80 18.47
CA THR A 208 -22.00 -4.94 19.31
C THR A 208 -21.68 -6.25 18.59
N ALA A 209 -21.82 -6.24 17.28
CA ALA A 209 -21.35 -7.35 16.47
C ALA A 209 -19.91 -7.73 16.89
N LEU A 210 -19.08 -6.71 17.03
CA LEU A 210 -17.66 -6.95 17.32
C LEU A 210 -17.54 -7.48 18.71
N LYS A 211 -18.36 -6.98 19.60
CA LYS A 211 -18.31 -7.42 20.97
C LYS A 211 -18.44 -8.93 20.97
N GLU A 212 -19.45 -9.44 20.26
CA GLU A 212 -19.72 -10.89 20.28
C GLU A 212 -18.49 -11.67 19.82
N LEU A 213 -18.02 -11.39 18.61
CA LEU A 213 -16.80 -11.98 18.11
C LEU A 213 -15.67 -11.86 19.12
N GLU A 214 -15.45 -10.64 19.59
CA GLU A 214 -14.37 -10.35 20.51
C GLU A 214 -14.38 -11.44 21.57
N LYS A 215 -15.55 -11.72 22.11
CA LYS A 215 -15.68 -12.62 23.27
C LYS A 215 -15.52 -14.07 22.87
N VAL A 216 -16.40 -14.55 22.01
CA VAL A 216 -16.35 -15.91 21.52
C VAL A 216 -15.02 -16.31 20.89
N THR A 217 -14.25 -15.36 20.37
CA THR A 217 -12.93 -15.66 19.87
C THR A 217 -11.82 -15.44 20.92
N GLY A 218 -12.09 -14.65 21.95
CA GLY A 218 -11.10 -14.40 23.00
C GLY A 218 -9.88 -13.65 22.46
N ILE A 219 -10.15 -12.47 21.89
CA ILE A 219 -9.16 -11.65 21.17
C ILE A 219 -9.59 -10.17 21.16
N GLN A 220 -8.79 -9.25 21.68
CA GLN A 220 -9.21 -7.85 21.61
C GLN A 220 -9.39 -7.48 20.14
N LEU A 221 -10.62 -7.05 19.77
CA LEU A 221 -10.98 -6.61 18.40
C LEU A 221 -11.50 -5.17 18.33
N LEU A 222 -12.50 -4.87 19.15
CA LEU A 222 -12.91 -3.48 19.42
C LEU A 222 -11.76 -2.77 20.11
N ASN A 223 -11.48 -1.52 19.74
CA ASN A 223 -10.65 -0.65 20.57
C ASN A 223 -9.20 -1.01 20.60
N THR A 224 -8.88 -2.16 20.01
CA THR A 224 -7.57 -2.46 19.47
C THR A 224 -6.94 -1.25 18.83
N PRO A 225 -5.65 -1.00 19.05
CA PRO A 225 -4.98 0.12 18.37
C PRO A 225 -5.07 0.20 16.83
N ALA A 226 -4.82 1.42 16.33
CA ALA A 226 -4.60 1.72 14.90
C ALA A 226 -3.53 0.82 14.35
N PRO A 227 -3.81 0.20 13.20
CA PRO A 227 -2.78 -0.73 12.83
C PRO A 227 -1.98 -0.22 11.62
N LEU A 228 -0.69 -0.56 11.63
CA LEU A 228 0.18 -0.32 10.48
C LEU A 228 -0.54 -0.57 9.18
N PRO A 229 -0.22 0.26 8.19
CA PRO A 229 -0.65 0.05 6.84
C PRO A 229 -0.29 -1.34 6.31
N THR A 230 -1.07 -1.82 5.32
CA THR A 230 -0.74 -3.06 4.60
C THR A 230 0.72 -3.15 4.09
N SER A 231 1.38 -4.25 4.38
CA SER A 231 2.70 -4.50 3.85
C SER A 231 2.55 -5.34 2.58
N CYS A 232 3.68 -5.64 1.94
CA CYS A 232 3.76 -6.46 0.71
C CYS A 232 4.34 -7.80 1.01
N ASN A 233 3.81 -8.85 0.43
CA ASN A 233 4.54 -10.13 0.40
C ASN A 233 5.35 -10.30 -0.90
N PRO A 234 6.67 -10.16 -0.81
CA PRO A 234 7.46 -10.26 -2.04
C PRO A 234 7.01 -11.35 -3.06
N SER A 235 6.61 -12.53 -2.60
CA SER A 235 6.26 -13.61 -3.50
C SER A 235 4.94 -13.34 -4.26
N ASP A 236 4.10 -12.49 -3.69
CA ASP A 236 2.84 -12.09 -4.31
C ASP A 236 2.94 -10.70 -5.00
N MET A 237 4.16 -10.28 -5.32
CA MET A 237 4.32 -9.06 -6.12
C MET A 237 4.67 -9.33 -7.59
N SER A 238 4.36 -8.36 -8.45
CA SER A 238 4.83 -8.34 -9.83
C SER A 238 6.21 -7.75 -9.85
N HIS A 239 7.16 -8.54 -10.31
CA HIS A 239 8.52 -8.13 -10.42
C HIS A 239 8.84 -7.78 -11.84
N GLY A 240 9.37 -6.59 -12.06
CA GLY A 240 9.75 -6.11 -13.39
C GLY A 240 11.24 -5.96 -13.56
N TYR A 241 11.70 -6.08 -14.80
CA TYR A 241 13.12 -6.14 -15.14
C TYR A 241 13.42 -5.46 -16.47
N VAL A 242 14.24 -4.43 -16.43
CA VAL A 242 14.53 -3.65 -17.63
C VAL A 242 16.04 -3.60 -17.77
N THR A 243 16.59 -4.09 -18.88
CA THR A 243 18.00 -3.95 -19.05
C THR A 243 18.21 -2.66 -19.81
N VAL A 244 18.88 -1.77 -19.14
CA VAL A 244 18.84 -0.37 -19.39
C VAL A 244 20.06 0.01 -20.24
N LYS A 245 20.84 -1.01 -20.61
CA LYS A 245 22.25 -0.87 -20.96
C LYS A 245 22.81 -2.29 -21.03
N PRO A 246 23.75 -2.55 -21.91
CA PRO A 246 24.35 -3.86 -22.04
C PRO A 246 24.46 -4.75 -20.81
N ARG A 247 24.96 -4.26 -19.69
CA ARG A 247 25.07 -5.14 -18.53
C ARG A 247 24.54 -4.50 -17.26
N VAL A 248 23.49 -3.73 -17.40
CA VAL A 248 22.84 -3.18 -16.27
C VAL A 248 21.36 -3.46 -16.47
N ARG A 249 20.80 -4.29 -15.61
CA ARG A 249 19.38 -4.49 -15.55
C ARG A 249 18.85 -3.99 -14.20
N LEU A 250 17.74 -3.25 -14.27
CA LEU A 250 17.07 -2.71 -13.10
C LEU A 250 15.78 -3.45 -12.78
N HIS A 251 15.61 -3.76 -11.50
CA HIS A 251 14.47 -4.51 -11.02
C HIS A 251 13.55 -3.61 -10.29
N PHE A 252 12.26 -3.90 -10.39
CA PHE A 252 11.26 -3.16 -9.64
C PHE A 252 10.05 -4.02 -9.34
N VAL A 253 9.19 -3.49 -8.48
CA VAL A 253 7.97 -4.16 -8.14
C VAL A 253 6.91 -3.16 -8.49
N GLU A 254 5.80 -3.66 -9.00
CA GLU A 254 4.79 -2.81 -9.62
C GLU A 254 3.42 -3.23 -9.17
N LEU A 255 2.68 -2.24 -8.72
CA LEU A 255 1.31 -2.41 -8.28
C LEU A 255 0.47 -1.14 -8.51
N GLY A 256 -0.69 -1.27 -9.13
CA GLY A 256 -1.64 -0.18 -9.19
C GLY A 256 -1.91 0.31 -10.61
N SER A 257 -2.80 1.26 -10.75
CA SER A 257 -2.99 1.88 -12.05
C SER A 257 -3.15 3.39 -11.86
N GLY A 258 -2.82 4.14 -12.91
CA GLY A 258 -2.86 5.59 -12.92
C GLY A 258 -1.48 6.18 -13.14
N PRO A 259 -1.28 7.46 -12.80
CA PRO A 259 -0.02 8.17 -12.96
C PRO A 259 1.12 7.45 -12.30
N ALA A 260 2.20 7.19 -13.04
CA ALA A 260 3.32 6.38 -12.54
C ALA A 260 4.03 7.09 -11.41
N VAL A 261 4.37 6.33 -10.38
CA VAL A 261 5.10 6.87 -9.25
C VAL A 261 6.30 5.98 -8.95
N CYS A 262 7.48 6.59 -8.95
CA CYS A 262 8.74 5.87 -8.85
C CYS A 262 9.41 6.02 -7.47
N LEU A 263 9.50 4.96 -6.71
CA LEU A 263 10.14 5.12 -5.43
C LEU A 263 11.61 4.59 -5.38
N CYS A 264 12.46 5.47 -4.87
CA CYS A 264 13.88 5.27 -4.92
C CYS A 264 14.44 5.27 -3.49
N HIS A 265 14.88 4.12 -3.01
CA HIS A 265 15.41 4.06 -1.64
C HIS A 265 16.84 4.51 -1.46
N GLY A 266 17.16 4.71 -0.19
CA GLY A 266 18.41 5.28 0.23
C GLY A 266 19.44 4.24 0.62
N PHE A 267 20.49 4.69 1.31
CA PHE A 267 21.59 3.80 1.64
C PHE A 267 21.03 2.84 2.64
N PRO A 268 21.74 1.71 2.83
CA PRO A 268 21.60 0.39 2.24
C PRO A 268 20.26 -0.25 2.33
N GLU A 269 19.42 -0.08 1.33
CA GLU A 269 18.06 -0.60 1.44
C GLU A 269 17.65 -1.41 0.18
N SER A 270 16.36 -1.43 -0.13
CA SER A 270 15.78 -2.28 -1.17
C SER A 270 14.43 -1.68 -1.45
N TRP A 271 13.80 -2.12 -2.52
CA TRP A 271 12.43 -1.67 -2.83
C TRP A 271 11.54 -1.97 -1.69
N TYR A 272 11.89 -2.99 -0.90
CA TYR A 272 11.13 -3.37 0.31
C TYR A 272 10.99 -2.24 1.34
N SER A 273 11.97 -1.33 1.43
CA SER A 273 11.83 -0.12 2.28
C SER A 273 10.48 0.64 2.07
N TRP A 274 9.85 0.45 0.91
CA TRP A 274 8.57 1.08 0.62
C TRP A 274 7.36 0.17 0.85
N ARG A 275 7.60 -0.97 1.51
CA ARG A 275 6.53 -1.95 1.74
C ARG A 275 5.19 -1.33 2.21
N TYR A 276 5.29 -0.32 3.08
CA TYR A 276 4.12 0.34 3.61
C TYR A 276 3.45 1.35 2.62
N GLN A 277 4.20 1.86 1.66
CA GLN A 277 3.61 2.87 0.79
C GLN A 277 3.02 2.26 -0.51
N ILE A 278 3.52 1.10 -0.90
CA ILE A 278 3.09 0.50 -2.16
C ILE A 278 1.58 0.28 -2.21
N PRO A 279 1.03 -0.51 -1.27
CA PRO A 279 -0.43 -0.77 -1.38
C PRO A 279 -1.21 0.49 -1.16
N ALA A 280 -0.81 1.27 -0.16
CA ALA A 280 -1.38 2.59 0.13
C ALA A 280 -1.55 3.49 -1.09
N LEU A 281 -0.45 3.74 -1.76
CA LEU A 281 -0.47 4.64 -2.90
C LEU A 281 -1.20 3.98 -4.04
N ALA A 282 -0.85 2.74 -4.37
CA ALA A 282 -1.60 2.02 -5.39
C ALA A 282 -3.06 2.25 -5.08
N GLN A 283 -3.45 1.91 -3.85
CA GLN A 283 -4.83 2.11 -3.45
C GLN A 283 -5.32 3.53 -3.67
N ALA A 284 -4.51 4.51 -3.30
CA ALA A 284 -4.89 5.93 -3.51
C ALA A 284 -5.17 6.34 -4.98
N GLY A 285 -4.80 5.51 -5.96
CA GLY A 285 -5.07 5.80 -7.37
C GLY A 285 -3.82 5.90 -8.28
N TYR A 286 -2.75 5.17 -7.95
CA TYR A 286 -1.54 5.29 -8.71
C TYR A 286 -0.92 3.95 -9.12
N ARG A 287 0.00 4.04 -10.09
CA ARG A 287 0.82 2.92 -10.48
C ARG A 287 2.18 3.13 -9.87
N VAL A 288 2.45 2.36 -8.85
CA VAL A 288 3.71 2.45 -8.18
C VAL A 288 4.73 1.51 -8.80
N LEU A 289 5.94 2.02 -8.99
CA LEU A 289 7.10 1.22 -9.36
C LEU A 289 8.21 1.50 -8.36
N ALA A 290 8.48 0.49 -7.53
CA ALA A 290 9.46 0.67 -6.48
C ALA A 290 10.73 0.01 -6.87
N MET A 291 11.77 0.82 -7.06
CA MET A 291 13.02 0.32 -7.61
C MET A 291 13.83 -0.33 -6.53
N ASP A 292 14.49 -1.43 -6.94
CA ASP A 292 15.89 -1.73 -6.52
C ASP A 292 16.77 -0.79 -7.35
N MET A 293 17.44 0.14 -6.68
CA MET A 293 18.32 1.09 -7.35
C MET A 293 19.62 0.36 -7.76
N LYS A 294 20.37 0.94 -8.68
CA LYS A 294 21.56 0.27 -9.18
C LYS A 294 22.45 -0.04 -7.99
N GLY A 295 23.00 -1.24 -7.96
CA GLY A 295 23.83 -1.67 -6.84
C GLY A 295 23.14 -2.56 -5.82
N TYR A 296 21.80 -2.55 -5.83
CA TYR A 296 21.05 -3.29 -4.85
C TYR A 296 20.19 -4.42 -5.41
N GLY A 297 20.25 -5.55 -4.74
CA GLY A 297 19.20 -6.55 -4.89
C GLY A 297 19.25 -7.16 -6.25
N GLU A 298 18.08 -7.34 -6.82
CA GLU A 298 17.94 -7.93 -8.14
C GLU A 298 18.23 -7.00 -9.30
N SER A 299 18.65 -5.78 -9.01
CA SER A 299 19.21 -4.89 -10.03
C SER A 299 20.65 -5.32 -10.18
N SER A 300 21.33 -4.81 -11.21
CA SER A 300 22.73 -5.19 -11.42
C SER A 300 23.60 -4.34 -10.51
N ALA A 301 24.73 -4.88 -10.08
CA ALA A 301 25.68 -4.12 -9.24
C ALA A 301 27.13 -4.23 -9.76
N PRO A 302 27.46 -3.44 -10.79
CA PRO A 302 28.77 -3.53 -11.40
C PRO A 302 29.83 -2.85 -10.55
N PRO A 303 31.05 -3.44 -10.47
CA PRO A 303 32.14 -3.02 -9.61
C PRO A 303 32.57 -1.58 -9.69
N GLU A 304 32.77 -1.04 -10.89
CA GLU A 304 33.39 0.29 -11.04
C GLU A 304 32.67 1.46 -10.32
N ILE A 305 33.43 2.36 -9.72
CA ILE A 305 32.86 3.42 -8.90
C ILE A 305 32.12 4.46 -9.69
N GLU A 306 32.58 4.67 -10.93
CA GLU A 306 32.01 5.67 -11.85
C GLU A 306 30.61 5.25 -12.18
N GLU A 307 30.39 3.94 -12.19
CA GLU A 307 29.14 3.43 -12.61
C GLU A 307 28.06 3.96 -11.67
N TYR A 308 28.43 4.63 -10.58
CA TYR A 308 27.43 5.14 -9.62
C TYR A 308 27.38 6.67 -9.38
N CYS A 309 27.96 7.51 -10.24
CA CYS A 309 27.76 8.98 -10.08
C CYS A 309 26.32 9.37 -10.43
N MET A 310 25.88 10.50 -9.93
CA MET A 310 24.51 10.91 -10.15
C MET A 310 24.20 10.94 -11.63
N GLU A 311 25.09 11.55 -12.42
CA GLU A 311 24.80 11.71 -13.85
C GLU A 311 24.54 10.35 -14.51
N VAL A 312 25.41 9.38 -14.29
CA VAL A 312 25.19 8.07 -14.89
C VAL A 312 23.85 7.55 -14.40
N LEU A 313 23.73 7.50 -13.09
CA LEU A 313 22.51 6.99 -12.47
C LEU A 313 21.30 7.65 -13.10
N CYS A 314 21.33 8.96 -13.31
CA CYS A 314 20.14 9.62 -13.81
C CYS A 314 19.71 9.19 -15.21
N LYS A 315 20.67 9.13 -16.14
CA LYS A 315 20.39 8.67 -17.52
C LYS A 315 19.73 7.30 -17.51
N GLU A 316 20.27 6.43 -16.66
CA GLU A 316 19.78 5.07 -16.56
C GLU A 316 18.27 5.01 -16.27
N MET A 317 17.81 5.80 -15.31
CA MET A 317 16.37 5.96 -15.06
C MET A 317 15.65 6.51 -16.29
N VAL A 318 16.21 7.56 -16.86
CA VAL A 318 15.59 8.13 -18.04
C VAL A 318 15.43 7.03 -19.06
N THR A 319 16.39 6.15 -19.16
CA THR A 319 16.25 4.98 -20.04
C THR A 319 15.15 4.06 -19.54
N PHE A 320 15.20 3.80 -18.25
CA PHE A 320 14.17 3.01 -17.63
C PHE A 320 12.79 3.55 -18.08
N LEU A 321 12.54 4.83 -17.91
CA LEU A 321 11.29 5.38 -18.42
C LEU A 321 11.11 5.05 -19.93
N ASP A 322 12.12 5.38 -20.71
CA ASP A 322 12.14 5.11 -22.14
C ASP A 322 11.64 3.68 -22.41
N LYS A 323 12.36 2.68 -21.92
CA LYS A 323 12.11 1.31 -22.37
C LYS A 323 10.78 0.76 -21.84
N LEU A 324 10.20 1.43 -20.85
CA LEU A 324 8.87 1.10 -20.35
C LEU A 324 7.74 1.84 -21.01
N GLY A 325 8.04 2.83 -21.85
CA GLY A 325 6.99 3.62 -22.53
C GLY A 325 6.39 4.78 -21.75
N LEU A 326 7.10 5.26 -20.73
CA LEU A 326 6.56 6.29 -19.85
C LEU A 326 7.20 7.60 -20.18
N SER A 327 6.40 8.59 -20.56
CA SER A 327 6.90 9.92 -20.91
C SER A 327 7.33 10.71 -19.68
N GLN A 328 6.60 10.51 -18.60
CA GLN A 328 6.87 11.13 -17.32
C GLN A 328 6.66 10.10 -16.18
N ALA A 329 7.07 10.48 -14.98
CA ALA A 329 6.74 9.76 -13.77
C ALA A 329 6.92 10.69 -12.57
N VAL A 330 6.20 10.44 -11.49
CA VAL A 330 6.40 11.23 -10.30
C VAL A 330 7.54 10.60 -9.58
N PHE A 331 8.47 11.40 -9.09
CA PHE A 331 9.62 10.81 -8.42
C PHE A 331 9.68 11.17 -6.97
N ILE A 332 9.63 10.13 -6.14
CA ILE A 332 9.77 10.24 -4.72
C ILE A 332 10.97 9.41 -4.32
N GLY A 333 11.90 10.02 -3.61
CA GLY A 333 13.10 9.34 -3.13
C GLY A 333 13.30 9.52 -1.65
N HIS A 334 14.10 8.64 -1.05
CA HIS A 334 14.55 8.77 0.34
C HIS A 334 16.06 8.57 0.45
N ASP A 335 16.64 9.26 1.41
CA ASP A 335 18.06 9.21 1.65
C ASP A 335 18.76 9.47 0.32
N TRP A 336 19.60 8.57 -0.17
CA TRP A 336 20.23 8.82 -1.47
C TRP A 336 19.24 9.00 -2.57
N GLY A 337 18.24 8.11 -2.63
CA GLY A 337 17.10 8.31 -3.49
C GLY A 337 16.61 9.76 -3.52
N GLY A 338 16.66 10.44 -2.38
CA GLY A 338 16.25 11.84 -2.31
C GLY A 338 17.00 12.73 -3.29
N MET A 339 18.32 12.75 -3.14
CA MET A 339 19.19 13.57 -3.99
C MET A 339 19.05 13.25 -5.48
N LEU A 340 18.94 11.97 -5.82
CA LEU A 340 18.78 11.56 -7.21
C LEU A 340 17.48 12.09 -7.81
N VAL A 341 16.36 11.79 -7.21
CA VAL A 341 15.11 12.51 -7.51
C VAL A 341 15.36 14.04 -7.79
N TRP A 342 16.11 14.70 -6.90
CA TRP A 342 16.34 16.13 -7.06
C TRP A 342 17.06 16.43 -8.35
N TYR A 343 18.03 15.61 -8.67
CA TYR A 343 18.75 15.79 -9.91
C TYR A 343 18.00 15.35 -11.15
N MET A 344 17.02 14.47 -11.02
CA MET A 344 16.08 14.25 -12.10
C MET A 344 15.25 15.46 -12.35
N ALA A 345 14.92 16.19 -11.30
CA ALA A 345 14.13 17.43 -11.51
C ALA A 345 14.93 18.49 -12.27
N LEU A 346 16.22 18.59 -11.92
CA LEU A 346 17.07 19.68 -12.41
C LEU A 346 17.61 19.44 -13.80
N PHE A 347 17.68 18.18 -14.20
CA PHE A 347 18.27 17.83 -15.45
C PHE A 347 17.28 17.21 -16.42
N TYR A 348 16.19 16.61 -15.96
CA TYR A 348 15.18 16.07 -16.89
C TYR A 348 13.71 16.42 -16.54
N PRO A 349 13.37 17.72 -16.43
CA PRO A 349 12.02 18.11 -16.04
C PRO A 349 10.92 17.52 -16.90
N GLU A 350 11.13 17.45 -18.22
CA GLU A 350 10.08 16.94 -19.12
C GLU A 350 9.64 15.55 -18.72
N ARG A 351 10.49 14.88 -17.96
CA ARG A 351 10.26 13.51 -17.52
C ARG A 351 9.67 13.32 -16.12
N VAL A 352 9.85 14.33 -15.27
CA VAL A 352 9.42 14.30 -13.91
C VAL A 352 8.07 15.04 -13.77
N ARG A 353 6.99 14.28 -13.60
CA ARG A 353 5.65 14.80 -13.39
C ARG A 353 5.57 15.61 -12.10
N ALA A 354 6.22 15.10 -11.04
CA ALA A 354 6.47 15.88 -9.83
C ALA A 354 7.56 15.23 -9.00
N VAL A 355 8.07 15.95 -8.03
CA VAL A 355 9.24 15.45 -7.32
C VAL A 355 9.07 15.51 -5.81
N ALA A 356 9.60 14.51 -5.09
CA ALA A 356 9.36 14.39 -3.62
C ALA A 356 10.54 13.73 -2.88
N SER A 357 10.93 14.29 -1.75
CA SER A 357 12.04 13.75 -0.98
C SER A 357 11.67 13.59 0.48
N LEU A 358 12.05 12.46 1.05
CA LEU A 358 11.95 12.25 2.46
C LEU A 358 13.34 12.47 2.95
N ASN A 359 13.49 13.43 3.85
CA ASN A 359 14.70 13.70 4.64
C ASN A 359 15.77 14.41 3.84
N THR A 360 16.11 13.89 2.67
CA THR A 360 17.23 14.43 1.90
C THR A 360 16.90 15.76 1.28
N PRO A 361 17.55 16.86 1.73
CA PRO A 361 17.35 18.19 1.13
C PRO A 361 18.05 18.40 -0.21
N PHE A 362 17.80 19.54 -0.82
CA PHE A 362 18.57 19.95 -1.94
C PHE A 362 19.55 21.03 -1.53
N ILE A 363 20.82 20.72 -1.65
CA ILE A 363 21.85 21.73 -1.45
C ILE A 363 22.53 21.94 -2.81
N PRO A 364 22.64 23.20 -3.25
CA PRO A 364 23.36 23.47 -4.46
C PRO A 364 24.81 23.41 -4.13
N ALA A 365 25.62 22.98 -5.08
CA ALA A 365 27.02 22.75 -4.84
C ALA A 365 27.69 24.09 -4.69
N ASN A 366 28.74 24.16 -3.88
CA ASN A 366 29.55 25.36 -3.72
C ASN A 366 30.65 25.33 -4.73
N PRO A 367 30.57 26.15 -5.75
CA PRO A 367 31.51 26.02 -6.87
C PRO A 367 32.96 26.46 -6.58
N ASN A 368 33.15 27.22 -5.49
CA ASN A 368 34.48 27.56 -4.98
C ASN A 368 35.06 26.41 -4.19
N MET A 369 34.29 25.96 -3.19
CA MET A 369 34.74 24.93 -2.25
C MET A 369 34.72 23.54 -2.85
N SER A 370 35.79 22.80 -2.58
CA SER A 370 35.83 21.36 -2.82
C SER A 370 34.86 20.69 -1.85
N PRO A 371 34.25 19.57 -2.25
CA PRO A 371 33.31 18.87 -1.35
C PRO A 371 34.00 17.94 -0.34
N LEU A 372 35.10 17.32 -0.71
CA LEU A 372 35.88 16.60 0.27
C LEU A 372 36.27 17.56 1.42
N GLU A 373 36.60 18.82 1.11
CA GLU A 373 36.72 19.91 2.11
C GLU A 373 35.42 20.11 2.90
N SER A 374 34.33 20.30 2.16
CA SER A 374 33.04 20.73 2.71
C SER A 374 32.51 19.80 3.80
N ILE A 375 32.56 18.50 3.53
CA ILE A 375 32.12 17.46 4.48
C ILE A 375 32.92 17.49 5.78
N LYS A 376 34.23 17.73 5.66
CA LYS A 376 35.15 17.79 6.82
C LYS A 376 34.72 18.86 7.82
N ALA A 377 34.18 19.96 7.31
CA ALA A 377 33.65 21.03 8.16
C ALA A 377 32.27 20.64 8.72
N ASN A 378 32.20 19.51 9.43
CA ASN A 378 30.94 19.01 10.03
C ASN A 378 31.04 17.63 10.73
N PRO A 379 31.20 17.61 12.07
CA PRO A 379 31.37 16.40 12.88
C PRO A 379 30.61 15.16 12.39
N VAL A 380 29.36 15.35 11.99
CA VAL A 380 28.44 14.24 11.72
C VAL A 380 28.66 13.52 10.38
N PHE A 381 29.28 14.21 9.41
CA PHE A 381 29.52 13.60 8.08
C PHE A 381 30.84 12.80 8.07
N ASP A 382 31.50 12.69 9.23
CA ASP A 382 32.73 11.87 9.40
C ASP A 382 32.62 10.42 8.85
N TYR A 383 31.43 9.86 8.92
CA TYR A 383 31.22 8.51 8.39
C TYR A 383 31.44 8.41 6.87
N GLN A 384 31.14 9.48 6.14
CA GLN A 384 31.25 9.41 4.69
C GLN A 384 32.72 9.21 4.30
N LEU A 385 33.66 9.71 5.09
CA LEU A 385 35.08 9.50 4.81
C LEU A 385 35.42 8.04 5.04
N TYR A 386 34.91 7.50 6.14
CA TYR A 386 35.13 6.10 6.41
C TYR A 386 34.74 5.29 5.16
N PHE A 387 33.71 5.71 4.43
CA PHE A 387 33.18 4.93 3.29
C PHE A 387 33.97 5.05 1.96
N GLN A 388 35.01 5.88 1.93
CA GLN A 388 35.68 6.26 0.66
C GLN A 388 36.62 5.18 0.14
N GLU A 389 37.37 4.56 1.06
CA GLU A 389 38.44 3.64 0.68
C GLU A 389 37.83 2.32 0.30
N PRO A 390 37.95 1.95 -0.97
CA PRO A 390 37.16 0.79 -1.37
C PRO A 390 37.60 -0.39 -0.56
N GLY A 391 36.63 -1.09 0.01
CA GLY A 391 36.90 -2.38 0.66
C GLY A 391 36.82 -2.39 2.18
N VAL A 392 37.49 -1.42 2.82
CA VAL A 392 37.47 -1.28 4.28
C VAL A 392 36.01 -1.40 4.77
N ALA A 393 35.16 -0.51 4.27
CA ALA A 393 33.81 -0.36 4.77
C ALA A 393 32.98 -1.59 4.49
N GLU A 394 33.34 -2.34 3.45
CA GLU A 394 32.51 -3.44 3.02
C GLU A 394 32.70 -4.64 3.91
N ALA A 395 33.93 -4.91 4.31
CA ALA A 395 34.22 -6.12 5.09
C ALA A 395 33.45 -6.07 6.38
N GLU A 396 33.27 -4.86 6.93
CA GLU A 396 32.63 -4.65 8.22
C GLU A 396 31.11 -4.80 8.13
N LEU A 397 30.57 -4.46 6.97
CA LEU A 397 29.15 -4.53 6.79
C LEU A 397 28.76 -5.94 6.43
N GLU A 398 29.54 -6.54 5.52
CA GLU A 398 29.30 -7.89 5.06
C GLU A 398 29.59 -8.95 6.14
N GLN A 399 30.60 -8.70 6.98
CA GLN A 399 30.94 -9.61 8.11
C GLN A 399 29.71 -10.32 8.72
N ASN A 400 28.69 -9.57 9.17
CA ASN A 400 27.46 -10.19 9.66
C ASN A 400 26.17 -9.44 9.26
N LEU A 401 25.49 -9.94 8.25
CA LEU A 401 24.41 -9.19 7.63
C LEU A 401 23.20 -8.95 8.53
N SER A 402 22.88 -9.93 9.36
CA SER A 402 21.87 -9.78 10.42
C SER A 402 22.26 -8.65 11.41
N ARG A 403 23.37 -8.85 12.12
CA ARG A 403 23.98 -7.82 13.00
C ARG A 403 23.94 -6.42 12.39
N THR A 404 24.32 -6.37 11.12
CA THR A 404 24.40 -5.15 10.35
C THR A 404 23.02 -4.49 10.14
N PHE A 405 22.09 -5.19 9.52
CA PHE A 405 20.78 -4.59 9.35
C PHE A 405 20.13 -4.32 10.67
N LYS A 406 20.24 -5.27 11.58
CA LYS A 406 19.64 -5.11 12.89
C LYS A 406 20.21 -3.87 13.59
N SER A 407 21.49 -3.57 13.34
CA SER A 407 22.13 -2.40 13.96
C SER A 407 21.76 -1.04 13.30
N LEU A 408 21.06 -1.06 12.18
CA LEU A 408 20.82 0.15 11.45
C LEU A 408 19.39 0.56 11.57
N PHE A 409 18.50 -0.39 11.26
CA PHE A 409 17.08 -0.11 11.23
C PHE A 409 16.55 -0.04 12.66
N ARG A 410 16.75 1.11 13.30
CA ARG A 410 16.28 1.34 14.66
C ARG A 410 15.78 2.76 14.80
N ALA A 411 14.77 2.90 15.66
CA ALA A 411 13.97 4.10 15.73
C ALA A 411 14.63 5.07 16.68
N SER A 412 14.12 6.30 16.68
CA SER A 412 14.78 7.41 17.35
C SER A 412 15.00 7.04 18.80
N ASP A 413 13.92 6.65 19.48
CA ASP A 413 13.97 6.30 20.92
C ASP A 413 14.59 4.93 21.18
N GLU A 414 15.64 4.56 20.46
CA GLU A 414 15.99 3.15 20.40
C GLU A 414 17.42 2.84 20.15
N SER A 415 18.29 3.82 19.94
CA SER A 415 19.53 3.53 19.19
C SER A 415 20.56 2.68 19.91
N VAL A 416 21.36 2.01 19.07
CA VAL A 416 22.71 1.47 19.35
C VAL A 416 23.58 1.66 18.08
N LEU A 417 23.45 2.85 17.45
CA LEU A 417 24.38 3.26 16.37
C LEU A 417 24.63 4.77 16.27
N SER A 418 25.87 5.17 16.56
CA SER A 418 26.23 6.57 16.63
C SER A 418 27.12 6.99 15.44
N MET A 419 27.37 8.28 15.37
CA MET A 419 27.44 9.03 14.12
C MET A 419 28.88 9.43 13.72
N HIS A 420 29.71 9.74 14.71
CA HIS A 420 30.96 10.49 14.52
C HIS A 420 32.11 9.82 15.23
N LYS A 421 33.31 10.36 15.06
CA LYS A 421 34.55 9.71 15.52
C LYS A 421 34.72 8.30 14.91
N VAL A 422 33.95 8.06 13.84
CA VAL A 422 33.76 6.73 13.22
C VAL A 422 35.06 6.21 12.59
N CYS A 423 35.86 7.15 12.09
CA CYS A 423 37.20 6.85 11.56
C CYS A 423 38.21 6.53 12.68
N GLU A 424 38.26 7.36 13.72
CA GLU A 424 39.13 7.12 14.88
C GLU A 424 38.84 5.76 15.49
N ALA A 425 37.53 5.54 15.75
CA ALA A 425 37.00 4.30 16.30
C ALA A 425 37.31 3.12 15.41
N GLY A 426 37.27 3.36 14.10
CA GLY A 426 37.75 2.40 13.12
C GLY A 426 36.75 1.32 12.84
N GLY A 427 35.49 1.70 12.89
CA GLY A 427 34.39 0.81 12.57
C GLY A 427 33.10 1.61 12.68
N LEU A 428 32.14 1.30 11.83
CA LEU A 428 30.81 1.80 12.01
C LEU A 428 30.18 1.21 13.29
N PHE A 429 30.48 -0.06 13.56
CA PHE A 429 29.96 -0.81 14.72
C PHE A 429 30.98 -1.06 15.82
N VAL A 430 32.17 -0.45 15.67
CA VAL A 430 33.26 -0.73 16.59
C VAL A 430 32.73 -0.91 18.01
N ASN A 431 31.66 -0.17 18.35
CA ASN A 431 31.13 -0.17 19.71
C ASN A 431 29.62 -0.45 19.76
N SER A 432 29.20 -1.54 19.09
CA SER A 432 27.82 -2.09 19.14
C SER A 432 27.77 -3.64 19.32
N PRO A 433 26.63 -4.21 19.81
CA PRO A 433 26.55 -5.64 20.18
C PRO A 433 26.55 -6.63 19.01
N GLU A 434 27.04 -7.85 19.25
CA GLU A 434 27.03 -8.92 18.24
C GLU A 434 25.63 -9.45 17.97
N GLU A 435 24.78 -9.48 18.99
CA GLU A 435 23.38 -9.87 18.77
C GLU A 435 22.44 -8.74 19.17
N PRO A 436 22.40 -7.68 18.35
CA PRO A 436 21.54 -6.51 18.64
C PRO A 436 20.06 -6.80 18.68
N SER A 437 19.34 -6.17 19.60
CA SER A 437 17.92 -6.46 19.81
C SER A 437 17.05 -5.94 18.65
N LEU A 438 15.96 -6.66 18.37
CA LEU A 438 14.95 -6.27 17.38
C LEU A 438 14.34 -4.88 17.62
N SER A 439 14.38 -4.04 16.60
CA SER A 439 13.67 -2.77 16.65
C SER A 439 12.18 -2.97 16.52
N ARG A 440 11.43 -2.06 17.14
CA ARG A 440 9.97 -2.00 17.01
C ARG A 440 9.54 -1.86 15.55
N MET A 441 10.46 -1.43 14.70
CA MET A 441 10.15 -1.14 13.32
C MET A 441 10.17 -2.36 12.41
N VAL A 442 10.78 -3.45 12.82
CA VAL A 442 11.00 -4.58 11.90
C VAL A 442 10.66 -5.91 12.54
N THR A 443 10.07 -6.84 11.80
CA THR A 443 9.96 -8.20 12.33
C THR A 443 11.34 -8.79 12.19
N GLU A 444 11.54 -9.98 12.74
CA GLU A 444 12.75 -10.75 12.44
C GLU A 444 12.82 -11.07 10.96
N GLU A 445 11.69 -11.48 10.37
CA GLU A 445 11.64 -11.98 8.98
C GLU A 445 12.08 -10.89 8.02
N GLU A 446 11.46 -9.73 8.17
CA GLU A 446 11.85 -8.55 7.43
C GLU A 446 13.39 -8.41 7.40
N ILE A 447 14.05 -8.41 8.55
CA ILE A 447 15.50 -8.35 8.54
C ILE A 447 16.12 -9.42 7.63
N GLN A 448 15.59 -10.63 7.70
CA GLN A 448 16.12 -11.70 6.88
C GLN A 448 15.90 -11.43 5.40
N PHE A 449 14.74 -10.88 5.02
CA PHE A 449 14.54 -10.46 3.62
C PHE A 449 15.74 -9.66 3.14
N TYR A 450 16.06 -8.61 3.88
CA TYR A 450 17.24 -7.81 3.58
C TYR A 450 18.51 -8.67 3.54
N VAL A 451 18.70 -9.54 4.53
CA VAL A 451 19.89 -10.39 4.50
C VAL A 451 19.99 -11.17 3.16
N GLN A 452 18.88 -11.76 2.69
CA GLN A 452 18.90 -12.46 1.39
C GLN A 452 19.45 -11.50 0.34
N GLN A 453 18.76 -10.39 0.12
CA GLN A 453 19.14 -9.45 -0.92
C GLN A 453 20.65 -9.26 -0.88
N PHE A 454 21.19 -8.84 0.26
CA PHE A 454 22.57 -8.38 0.25
C PHE A 454 23.61 -9.52 0.20
N LYS A 455 23.17 -10.75 0.38
CA LYS A 455 24.01 -11.90 0.10
C LYS A 455 24.32 -11.95 -1.39
N LYS A 456 23.46 -11.39 -2.23
CA LYS A 456 23.69 -11.45 -3.69
C LYS A 456 24.96 -10.68 -4.02
N SER A 457 24.98 -9.38 -3.74
CA SER A 457 26.08 -8.54 -4.21
C SER A 457 26.77 -7.60 -3.22
N GLY A 458 26.53 -7.76 -1.92
CA GLY A 458 27.26 -6.98 -0.93
C GLY A 458 27.12 -5.46 -1.02
N PHE A 459 28.15 -4.77 -0.50
CA PHE A 459 28.09 -3.31 -0.31
C PHE A 459 29.03 -2.57 -1.23
N ARG A 460 29.86 -3.29 -1.98
CA ARG A 460 30.65 -2.63 -3.00
C ARG A 460 29.80 -1.61 -3.76
N GLY A 461 28.75 -2.07 -4.42
CA GLY A 461 27.94 -1.20 -5.26
C GLY A 461 27.22 -0.13 -4.47
N PRO A 462 26.49 -0.53 -3.44
CA PRO A 462 25.83 0.49 -2.65
C PRO A 462 26.80 1.54 -2.10
N LEU A 463 27.94 1.10 -1.54
CA LEU A 463 28.96 2.00 -0.97
C LEU A 463 29.61 2.86 -2.00
N ASN A 464 29.61 2.41 -3.25
CA ASN A 464 30.03 3.27 -4.36
C ASN A 464 29.28 4.58 -4.48
N TRP A 465 28.03 4.66 -4.04
CA TRP A 465 27.30 5.90 -4.27
C TRP A 465 27.94 7.05 -3.58
N TYR A 466 28.80 6.75 -2.58
CA TYR A 466 29.50 7.77 -1.77
C TYR A 466 30.87 8.09 -2.32
N ARG A 467 31.19 7.53 -3.47
CA ARG A 467 32.56 7.59 -3.94
C ARG A 467 32.70 8.41 -5.20
N ASN A 468 31.66 9.19 -5.52
CA ASN A 468 31.70 10.12 -6.66
C ASN A 468 31.46 11.57 -6.23
N MET A 469 32.01 11.97 -5.08
CA MET A 469 31.74 13.27 -4.52
C MET A 469 32.19 14.29 -5.55
N GLU A 470 33.46 14.17 -5.92
CA GLU A 470 34.10 15.03 -6.90
C GLU A 470 33.32 15.17 -8.22
N ARG A 471 33.13 14.05 -8.90
CA ARG A 471 32.44 14.06 -10.17
C ARG A 471 31.07 14.72 -10.07
N ASN A 472 30.32 14.37 -9.04
CA ASN A 472 28.98 14.91 -8.85
C ASN A 472 29.00 16.36 -8.54
N TRP A 473 30.02 16.83 -7.83
CA TRP A 473 30.17 18.26 -7.56
C TRP A 473 30.28 19.02 -8.86
N LYS A 474 31.24 18.59 -9.68
CA LYS A 474 31.37 19.07 -11.04
C LYS A 474 30.02 18.99 -11.79
N TRP A 475 29.44 17.79 -11.97
CA TRP A 475 28.18 17.72 -12.73
C TRP A 475 27.19 18.72 -12.25
N ALA A 476 27.06 18.79 -10.94
CA ALA A 476 26.07 19.65 -10.27
C ALA A 476 26.26 21.14 -10.57
N CYS A 477 27.50 21.58 -10.75
CA CYS A 477 27.72 22.99 -10.98
C CYS A 477 27.13 23.44 -12.29
N LYS A 478 26.82 22.48 -13.17
CA LYS A 478 26.18 22.82 -14.46
C LYS A 478 24.77 23.41 -14.24
N SER A 479 24.12 22.95 -13.18
CA SER A 479 22.77 23.37 -12.90
C SER A 479 22.68 24.55 -11.97
N LEU A 480 23.75 25.29 -11.76
CA LEU A 480 23.76 26.32 -10.71
C LEU A 480 22.88 27.56 -11.02
N GLY A 481 22.41 27.69 -12.25
CA GLY A 481 21.64 28.87 -12.62
C GLY A 481 20.21 28.52 -12.84
N ARG A 482 19.85 27.29 -12.50
CA ARG A 482 18.53 26.75 -12.78
C ARG A 482 17.68 26.91 -11.56
N LYS A 483 16.45 26.43 -11.65
CA LYS A 483 15.58 26.38 -10.50
C LYS A 483 14.60 25.25 -10.70
N ILE A 484 14.08 24.73 -9.59
CA ILE A 484 12.98 23.78 -9.67
C ILE A 484 11.65 24.52 -9.59
N LEU A 485 10.93 24.47 -10.70
CA LEU A 485 9.68 25.15 -10.79
C LEU A 485 8.57 24.15 -11.10
N ILE A 486 8.84 22.87 -10.86
CA ILE A 486 7.81 21.83 -10.97
C ILE A 486 7.33 21.40 -9.55
N PRO A 487 6.09 20.92 -9.43
CA PRO A 487 5.68 20.35 -8.16
C PRO A 487 6.74 19.52 -7.42
N ALA A 488 6.98 19.87 -6.17
CA ALA A 488 8.12 19.50 -5.38
C ALA A 488 7.84 19.63 -3.88
N LEU A 489 8.04 18.54 -3.14
CA LEU A 489 7.67 18.41 -1.73
C LEU A 489 8.86 17.97 -0.91
N MET A 490 9.14 18.65 0.20
CA MET A 490 10.28 18.31 1.09
C MET A 490 9.82 17.85 2.48
N VAL A 491 9.87 16.54 2.70
CA VAL A 491 9.41 15.98 3.95
C VAL A 491 10.60 15.81 4.86
N THR A 492 10.50 16.45 6.02
CA THR A 492 11.55 16.56 7.02
C THR A 492 11.22 15.66 8.21
N ALA A 493 12.24 14.96 8.73
CA ALA A 493 12.12 14.05 9.91
C ALA A 493 12.76 14.66 11.20
N GLU A 494 11.96 14.94 12.21
CA GLU A 494 12.48 15.62 13.39
C GLU A 494 13.88 15.10 13.78
N LYS A 495 13.96 13.80 14.04
CA LYS A 495 15.08 13.21 14.80
C LYS A 495 16.04 12.44 13.92
N ASP A 496 16.01 12.69 12.64
CA ASP A 496 17.02 12.11 11.78
C ASP A 496 18.29 12.91 12.06
N PHE A 497 19.28 12.29 12.68
CA PHE A 497 20.44 13.08 13.15
C PHE A 497 21.46 13.39 12.08
N VAL A 498 21.25 12.88 10.86
CA VAL A 498 22.13 13.25 9.74
C VAL A 498 21.42 14.13 8.68
N LEU A 499 20.29 13.68 8.15
CA LEU A 499 19.47 14.52 7.28
C LEU A 499 18.57 15.39 8.18
N VAL A 500 19.27 16.25 8.89
CA VAL A 500 18.68 17.11 9.86
C VAL A 500 17.81 18.10 9.12
N PRO A 501 16.69 18.54 9.72
CA PRO A 501 15.74 19.40 8.96
C PRO A 501 16.09 20.89 8.83
N GLN A 502 17.22 21.32 9.38
CA GLN A 502 17.68 22.71 9.26
C GLN A 502 18.37 22.78 7.92
N MET A 503 19.12 21.73 7.60
CA MET A 503 19.83 21.62 6.32
C MET A 503 18.98 21.97 5.12
N SER A 504 17.66 21.80 5.22
CA SER A 504 16.70 22.12 4.15
C SER A 504 16.15 23.54 4.14
N GLN A 505 16.54 24.36 5.11
CA GLN A 505 15.83 25.62 5.41
C GLN A 505 15.87 26.72 4.31
N HIS A 506 16.92 26.72 3.48
CA HIS A 506 17.04 27.69 2.35
C HIS A 506 16.54 27.14 1.00
N MET A 507 15.98 25.94 1.00
CA MET A 507 15.65 25.28 -0.25
C MET A 507 14.63 26.11 -1.05
N GLU A 508 13.88 26.96 -0.37
CA GLU A 508 12.88 27.74 -1.09
C GLU A 508 13.49 28.81 -1.98
N ASP A 509 14.77 29.12 -1.76
CA ASP A 509 15.57 30.00 -2.64
C ASP A 509 15.73 29.50 -4.07
N TRP A 510 15.82 28.18 -4.23
CA TRP A 510 15.96 27.52 -5.53
C TRP A 510 14.73 26.74 -5.87
N ILE A 511 13.72 26.73 -5.00
CA ILE A 511 12.49 26.01 -5.32
C ILE A 511 11.35 26.83 -4.74
N PRO A 512 10.79 27.72 -5.55
CA PRO A 512 10.04 28.77 -4.90
C PRO A 512 8.65 28.35 -4.55
N HIS A 513 8.09 27.33 -5.20
CA HIS A 513 6.78 26.79 -4.75
C HIS A 513 6.85 25.46 -4.01
N LEU A 514 8.00 25.18 -3.38
CA LEU A 514 8.19 23.95 -2.62
C LEU A 514 7.14 23.81 -1.54
N LYS A 515 6.35 22.75 -1.61
CA LYS A 515 5.42 22.44 -0.53
C LYS A 515 6.20 21.58 0.46
N ARG A 516 5.74 21.51 1.70
CA ARG A 516 6.47 20.79 2.75
C ARG A 516 5.58 19.81 3.50
N GLY A 517 6.23 18.97 4.29
CA GLY A 517 5.59 18.06 5.26
C GLY A 517 6.57 17.76 6.38
N HIS A 518 6.07 17.49 7.56
CA HIS A 518 7.00 17.30 8.67
C HIS A 518 6.53 16.31 9.68
N ILE A 519 7.41 15.35 9.95
CA ILE A 519 7.15 14.22 10.84
C ILE A 519 7.86 14.38 12.20
N GLU A 520 7.03 14.58 13.21
CA GLU A 520 7.47 14.66 14.57
C GLU A 520 7.89 13.28 14.92
N ASP A 521 8.87 13.18 15.79
CA ASP A 521 9.16 11.93 16.45
C ASP A 521 9.48 10.89 15.40
N CYS A 522 10.48 11.18 14.58
CA CYS A 522 10.81 10.30 13.48
C CYS A 522 12.29 10.29 13.16
N GLY A 523 12.85 9.09 13.23
CA GLY A 523 14.26 8.88 12.96
C GLY A 523 14.46 8.83 11.47
N HIS A 524 15.62 8.33 11.10
CA HIS A 524 16.07 8.41 9.73
C HIS A 524 15.35 7.48 8.76
N TRP A 525 14.91 6.34 9.25
CA TRP A 525 14.23 5.33 8.45
C TRP A 525 12.78 5.66 8.28
N THR A 526 12.50 6.80 7.67
CA THR A 526 11.17 7.34 7.67
C THR A 526 10.06 6.32 7.39
N GLN A 527 10.20 5.57 6.30
CA GLN A 527 9.08 4.81 5.78
C GLN A 527 8.63 3.65 6.71
N MET A 528 9.50 3.17 7.61
CA MET A 528 9.13 2.13 8.59
C MET A 528 9.05 2.67 10.03
N ASP A 529 9.39 3.94 10.20
CA ASP A 529 9.32 4.63 11.50
C ASP A 529 7.95 5.27 11.66
N LYS A 530 7.44 5.90 10.61
CA LYS A 530 6.18 6.61 10.70
C LYS A 530 5.32 6.42 9.42
N PRO A 531 5.19 5.16 8.97
CA PRO A 531 4.54 4.80 7.73
C PRO A 531 3.21 5.48 7.50
N THR A 532 2.34 5.46 8.50
CA THR A 532 1.01 6.01 8.29
C THR A 532 1.02 7.51 7.96
N GLU A 533 1.78 8.32 8.68
CA GLU A 533 1.73 9.74 8.39
C GLU A 533 2.50 9.95 7.10
N VAL A 534 3.59 9.23 6.93
CA VAL A 534 4.24 9.21 5.62
C VAL A 534 3.21 8.97 4.49
N ASN A 535 2.41 7.91 4.58
CA ASN A 535 1.40 7.66 3.58
C ASN A 535 0.42 8.82 3.48
N GLN A 536 -0.14 9.24 4.60
CA GLN A 536 -1.04 10.41 4.67
C GLN A 536 -0.51 11.65 3.89
N ILE A 537 0.74 12.05 4.17
CA ILE A 537 1.37 13.24 3.56
C ILE A 537 1.56 13.14 2.03
N LEU A 538 2.18 12.02 1.65
CA LEU A 538 2.37 11.71 0.25
C LEU A 538 1.06 11.60 -0.55
N ILE A 539 0.06 10.89 -0.09
CA ILE A 539 -1.12 10.71 -0.91
C ILE A 539 -1.78 12.08 -1.14
N LYS A 540 -1.71 12.95 -0.15
CA LYS A 540 -2.46 14.19 -0.19
C LYS A 540 -1.83 15.16 -1.18
N TRP A 541 -0.51 15.06 -1.30
CA TRP A 541 0.28 15.93 -2.16
C TRP A 541 0.23 15.44 -3.58
N LEU A 542 0.29 14.12 -3.74
CA LEU A 542 -0.02 13.53 -5.03
C LEU A 542 -1.35 14.03 -5.55
N ASP A 543 -2.41 13.91 -4.75
CA ASP A 543 -3.76 14.21 -5.18
C ASP A 543 -3.89 15.68 -5.57
N SER A 544 -3.18 16.55 -4.87
CA SER A 544 -3.29 17.99 -5.09
C SER A 544 -2.37 18.51 -6.17
N ASP A 545 -1.16 17.95 -6.23
CA ASP A 545 -0.14 18.46 -7.11
C ASP A 545 0.20 17.60 -8.31
N ALA A 546 -0.12 16.31 -8.29
CA ALA A 546 0.40 15.40 -9.31
C ALA A 546 -0.67 14.80 -10.22
N ARG A 547 -1.90 15.26 -10.10
CA ARG A 547 -2.97 14.62 -10.85
C ARG A 547 -3.20 15.34 -12.18
N ASN A 548 -3.31 16.69 -12.09
CA ASN A 548 -3.54 17.57 -13.25
C ASN A 548 -3.07 19.00 -12.98
P PO4 B . -24.91 -10.12 0.62
O1 PO4 B . -25.58 -9.58 1.91
O2 PO4 B . -25.72 -9.75 -0.60
O3 PO4 B . -24.78 -11.65 0.62
O4 PO4 B . -23.50 -9.55 0.57
MG MG C . -25.76 -9.07 3.81
F23 2RU D . 25.63 3.64 7.52
C20 2RU D . 24.64 4.31 8.06
F21 2RU D . 23.66 3.50 8.45
F22 2RU D . 25.21 4.98 9.02
C19 2RU D . 24.03 5.32 7.14
C18 2RU D . 22.85 5.10 6.43
C17 2RU D . 22.36 6.11 5.59
C24 2RU D . 24.71 6.51 7.01
C25 2RU D . 24.23 7.49 6.16
C1 2RU D . 23.05 7.33 5.44
N2 2RU D . 22.61 8.27 4.54
C3 2RU D . 23.35 9.27 3.97
O16 2RU D . 24.54 9.43 4.22
N4 2RU D . 22.72 10.04 3.05
C5 2RU D . 23.34 10.99 2.10
C15 2RU D . 23.93 12.28 2.67
C14 2RU D . 24.38 13.30 1.61
N8 2RU D . 23.30 13.59 0.65
C7 2RU D . 22.73 12.37 0.04
C6 2RU D . 22.25 11.38 1.10
C9 2RU D . 22.85 14.81 0.24
O13 2RU D . 22.09 14.95 -0.74
C10 2RU D . 23.32 16.05 0.96
C12 2RU D . 22.66 16.11 2.32
C11 2RU D . 22.95 17.31 0.19
#